data_4B6X
#
_entry.id   4B6X
#
_cell.length_a   64.690
_cell.length_b   64.690
_cell.length_c   73.340
_cell.angle_alpha   90.00
_cell.angle_beta   90.00
_cell.angle_gamma   120.00
#
_symmetry.space_group_name_H-M   'P 32 1 2'
#
loop_
_entity.id
_entity.type
_entity.pdbx_description
1 polymer 'AVIRULENCE PROTEIN'
2 non-polymer 'ACETATE ION'
3 water water
#
_entity_poly.entity_id   1
_entity_poly.type   'polypeptide(L)'
_entity_poly.pdbx_seq_one_letter_code
;GPGKRVYQIGSSSRDVQVCPRGAGAALRQEIEDKQLMVNNLTDELQDAIDEANPAEIANTSQQLRHARADLADLQRRFAV
LRNEDRRINQ
;
_entity_poly.pdbx_strand_id   A,B
#
# COMPACT_ATOMS: atom_id res chain seq x y z
N GLY A 22 -20.26 8.25 -13.01
CA GLY A 22 -18.81 8.10 -13.34
C GLY A 22 -18.42 6.73 -13.87
N ALA A 23 -17.35 6.69 -14.66
CA ALA A 23 -16.83 5.44 -15.20
C ALA A 23 -16.16 4.57 -14.09
N GLY A 24 -16.10 3.29 -14.37
CA GLY A 24 -15.29 2.39 -13.57
C GLY A 24 -15.70 2.20 -12.13
N ALA A 25 -16.99 2.25 -11.84
CA ALA A 25 -17.46 2.12 -10.46
C ALA A 25 -16.97 0.80 -9.79
N ALA A 26 -17.18 -0.35 -10.43
CA ALA A 26 -16.83 -1.65 -9.83
C ALA A 26 -15.32 -1.76 -9.65
N LEU A 27 -14.57 -1.29 -10.64
CA LEU A 27 -13.11 -1.28 -10.58
C LEU A 27 -12.54 -0.40 -9.44
N ARG A 28 -13.15 0.77 -9.26
CA ARG A 28 -12.76 1.67 -8.17
C ARG A 28 -12.95 0.98 -6.82
N GLN A 29 -14.08 0.31 -6.67
CA GLN A 29 -14.41 -0.41 -5.45
C GLN A 29 -13.43 -1.59 -5.26
N GLU A 30 -13.04 -2.27 -6.33
CA GLU A 30 -12.05 -3.35 -6.26
C GLU A 30 -10.69 -2.85 -5.77
N ILE A 31 -10.31 -1.68 -6.26
CA ILE A 31 -9.09 -1.06 -5.86
C ILE A 31 -9.11 -0.81 -4.35
N GLU A 32 -10.18 -0.24 -3.82
CA GLU A 32 -10.25 -0.05 -2.36
C GLU A 32 -10.26 -1.40 -1.56
N ASP A 33 -10.97 -2.41 -2.08
CA ASP A 33 -11.00 -3.73 -1.45
C ASP A 33 -9.58 -4.32 -1.45
N LYS A 34 -8.87 -4.13 -2.55
CA LYS A 34 -7.53 -4.65 -2.70
C LYS A 34 -6.48 -3.89 -1.89
N GLN A 35 -6.64 -2.56 -1.75
CA GLN A 35 -5.80 -1.77 -0.84
C GLN A 35 -6.00 -2.22 0.60
N LEU A 36 -7.25 -2.44 1.04
CA LEU A 36 -7.49 -3.04 2.34
C LEU A 36 -6.74 -4.38 2.53
N MET A 37 -6.80 -5.30 1.54
CA MET A 37 -6.09 -6.55 1.68
C MET A 37 -4.59 -6.31 1.79
N VAL A 38 -4.07 -5.41 0.97
CA VAL A 38 -2.63 -5.08 1.02
C VAL A 38 -2.21 -4.58 2.38
N ASN A 39 -3.04 -3.73 2.95
CA ASN A 39 -2.78 -3.21 4.27
C ASN A 39 -2.85 -4.28 5.38
N ASN A 40 -3.84 -5.17 5.33
CA ASN A 40 -3.95 -6.22 6.34
C ASN A 40 -2.76 -7.17 6.27
N LEU A 41 -2.36 -7.53 5.06
CA LEU A 41 -1.23 -8.39 4.87
C LEU A 41 0.05 -7.70 5.30
N THR A 42 0.15 -6.38 5.15
CA THR A 42 1.34 -5.68 5.61
C THR A 42 1.43 -5.72 7.14
N ASP A 43 0.30 -5.50 7.82
CA ASP A 43 0.18 -5.72 9.26
C ASP A 43 0.68 -7.11 9.67
N GLU A 44 0.18 -8.13 9.00
CA GLU A 44 0.51 -9.51 9.35
C GLU A 44 1.99 -9.82 9.14
N LEU A 45 2.55 -9.33 8.05
CA LEU A 45 3.99 -9.46 7.81
C LEU A 45 4.83 -8.84 8.91
N GLN A 46 4.49 -7.61 9.29
CA GLN A 46 5.28 -6.92 10.28
C GLN A 46 5.15 -7.59 11.66
N ASP A 47 3.96 -8.09 11.97
CA ASP A 47 3.77 -8.86 13.20
C ASP A 47 4.61 -10.15 13.19
N ALA A 48 4.63 -10.84 12.05
CA ALA A 48 5.42 -12.05 11.92
C ALA A 48 6.93 -11.77 12.06
N ILE A 49 7.40 -10.62 11.57
CA ILE A 49 8.78 -10.18 11.80
C ILE A 49 9.05 -9.93 13.29
N ASP A 50 8.16 -9.18 13.96
CA ASP A 50 8.32 -8.93 15.41
C ASP A 50 8.38 -10.23 16.21
N GLU A 51 7.62 -11.22 15.79
CA GLU A 51 7.64 -12.53 16.41
C GLU A 51 8.77 -13.45 15.92
N ALA A 52 9.61 -13.01 14.99
CA ALA A 52 10.64 -13.90 14.43
C ALA A 52 10.03 -15.26 14.05
N ASN A 53 9.03 -15.24 13.15
CA ASN A 53 8.31 -16.45 12.76
C ASN A 53 8.56 -16.66 11.27
N PRO A 54 9.67 -17.35 10.93
CA PRO A 54 10.07 -17.47 9.52
C PRO A 54 8.99 -18.04 8.60
N ALA A 55 8.22 -19.02 9.05
CA ALA A 55 7.15 -19.61 8.22
C ALA A 55 6.08 -18.57 7.82
N GLU A 56 5.68 -17.73 8.77
CA GLU A 56 4.61 -16.78 8.51
C GLU A 56 5.15 -15.61 7.73
N ILE A 57 6.41 -15.26 7.94
CA ILE A 57 7.04 -14.24 7.15
C ILE A 57 7.00 -14.63 5.67
N ALA A 58 7.39 -15.87 5.36
CA ALA A 58 7.40 -16.34 3.98
C ALA A 58 5.97 -16.45 3.44
N ASN A 59 5.03 -16.92 4.27
CA ASN A 59 3.64 -17.10 3.82
C ASN A 59 3.00 -15.77 3.47
N THR A 60 3.19 -14.78 4.33
CA THR A 60 2.51 -13.52 4.22
C THR A 60 3.15 -12.62 3.20
N SER A 61 4.48 -12.61 3.16
CA SER A 61 5.16 -11.85 2.15
C SER A 61 4.88 -12.32 0.72
N GLN A 62 4.81 -13.62 0.50
CA GLN A 62 4.45 -14.12 -0.81
C GLN A 62 3.07 -13.58 -1.26
N GLN A 63 2.10 -13.65 -0.37
CA GLN A 63 0.76 -13.10 -0.64
C GLN A 63 0.68 -11.59 -0.83
N LEU A 64 1.40 -10.88 0.02
CA LEU A 64 1.53 -9.44 -0.09
C LEU A 64 2.08 -9.01 -1.45
N ARG A 65 3.06 -9.73 -1.98
CA ARG A 65 3.56 -9.36 -3.27
C ARG A 65 2.56 -9.63 -4.36
N HIS A 66 1.81 -10.72 -4.27
CA HIS A 66 0.76 -10.99 -5.25
C HIS A 66 -0.23 -9.81 -5.27
N ALA A 67 -0.66 -9.41 -4.09
CA ALA A 67 -1.65 -8.36 -3.93
C ALA A 67 -1.18 -6.97 -4.37
N ARG A 68 0.07 -6.63 -4.06
CA ARG A 68 0.65 -5.36 -4.47
C ARG A 68 0.78 -5.28 -6.01
N ALA A 69 1.16 -6.37 -6.67
CA ALA A 69 1.24 -6.40 -8.12
C ALA A 69 -0.14 -6.25 -8.77
N ASP A 70 -1.11 -6.98 -8.22
CA ASP A 70 -2.47 -6.92 -8.70
C ASP A 70 -3.07 -5.53 -8.50
N LEU A 71 -2.78 -4.91 -7.37
CA LEU A 71 -3.26 -3.57 -7.11
C LEU A 71 -2.71 -2.57 -8.12
N ALA A 72 -1.41 -2.58 -8.35
CA ALA A 72 -0.82 -1.66 -9.28
C ALA A 72 -1.45 -1.79 -10.70
N ASP A 73 -1.73 -3.01 -11.16
CA ASP A 73 -2.45 -3.21 -12.42
C ASP A 73 -3.86 -2.65 -12.39
N LEU A 74 -4.57 -2.90 -11.29
CA LEU A 74 -5.90 -2.37 -11.17
C LEU A 74 -5.88 -0.83 -11.28
N GLN A 75 -4.90 -0.20 -10.64
CA GLN A 75 -4.86 1.26 -10.60
C GLN A 75 -4.54 1.83 -11.97
N ARG A 76 -3.63 1.17 -12.71
CA ARG A 76 -3.36 1.57 -14.10
C ARG A 76 -4.61 1.54 -14.96
N ARG A 77 -5.38 0.45 -14.85
CA ARG A 77 -6.60 0.28 -15.65
C ARG A 77 -7.65 1.32 -15.35
N PHE A 78 -7.72 1.72 -14.07
CA PHE A 78 -8.69 2.69 -13.65
C PHE A 78 -8.30 4.11 -14.08
N ALA A 79 -7.02 4.40 -14.02
CA ALA A 79 -6.54 5.70 -14.48
C ALA A 79 -6.86 5.89 -15.96
N VAL A 80 -6.69 4.85 -16.77
CA VAL A 80 -7.04 4.97 -18.20
C VAL A 80 -8.50 5.34 -18.35
N LEU A 81 -9.32 4.60 -17.64
CA LEU A 81 -10.74 4.76 -17.70
C LEU A 81 -11.20 6.14 -17.21
N ARG A 82 -10.60 6.61 -16.14
CA ARG A 82 -10.97 7.91 -15.58
C ARG A 82 -10.49 9.04 -16.51
N ASN A 83 -9.29 8.94 -17.06
CA ASN A 83 -8.83 9.95 -18.01
CA ASN A 83 -8.80 9.94 -18.02
C ASN A 83 -9.71 10.01 -19.26
N GLU A 84 -10.15 8.86 -19.77
CA GLU A 84 -11.01 8.82 -20.95
C GLU A 84 -12.41 9.37 -20.65
N ASP A 85 -12.99 8.98 -19.51
CA ASP A 85 -14.23 9.54 -19.01
C ASP A 85 -14.20 11.07 -18.92
N ARG A 86 -13.10 11.62 -18.39
CA ARG A 86 -12.96 13.07 -18.28
CA ARG A 86 -12.96 13.09 -18.27
C ARG A 86 -12.93 13.76 -19.66
N ARG A 87 -12.19 13.16 -20.59
CA ARG A 87 -12.07 13.69 -21.93
C ARG A 87 -13.41 13.59 -22.68
N ILE A 88 -14.13 12.50 -22.49
CA ILE A 88 -15.44 12.36 -23.09
C ILE A 88 -16.44 13.37 -22.54
N ASN A 89 -16.37 13.66 -21.24
CA ASN A 89 -17.46 14.41 -20.60
C ASN A 89 -17.17 15.84 -20.22
N GLN A 90 -16.02 16.38 -20.62
CA GLN A 90 -15.69 17.73 -20.19
C GLN A 90 -16.47 18.75 -21.01
N ALA B 25 -7.95 19.74 0.02
CA ALA B 25 -7.03 19.37 1.12
C ALA B 25 -5.56 19.36 0.66
N ALA B 26 -4.73 20.10 1.41
CA ALA B 26 -3.28 19.87 1.41
C ALA B 26 -2.99 18.51 2.05
N LEU B 27 -3.85 18.09 2.99
CA LEU B 27 -3.75 16.76 3.61
C LEU B 27 -3.85 15.64 2.58
N ARG B 28 -4.65 15.87 1.55
CA ARG B 28 -4.90 14.89 0.52
C ARG B 28 -3.63 14.61 -0.25
N GLN B 29 -2.88 15.66 -0.57
CA GLN B 29 -1.56 15.52 -1.17
C GLN B 29 -0.58 14.84 -0.23
N GLU B 30 -0.64 15.19 1.06
CA GLU B 30 0.26 14.59 2.05
C GLU B 30 0.05 13.08 2.13
N ILE B 31 -1.21 12.65 2.02
CA ILE B 31 -1.62 11.25 2.01
C ILE B 31 -1.06 10.50 0.79
N GLU B 32 -1.06 11.16 -0.38
CA GLU B 32 -0.51 10.56 -1.60
C GLU B 32 0.98 10.31 -1.44
N ASP B 33 1.71 11.34 -1.03
CA ASP B 33 3.15 11.26 -0.88
C ASP B 33 3.52 10.21 0.15
N LYS B 34 2.78 10.18 1.25
CA LYS B 34 3.05 9.22 2.30
C LYS B 34 2.71 7.77 1.84
N GLN B 35 1.67 7.60 1.02
CA GLN B 35 1.33 6.27 0.47
C GLN B 35 2.47 5.76 -0.40
N LEU B 36 3.03 6.66 -1.20
CA LEU B 36 4.21 6.36 -2.02
C LEU B 36 5.40 5.98 -1.14
N MET B 37 5.62 6.66 -0.01
CA MET B 37 6.72 6.33 0.90
CA MET B 37 6.72 6.34 0.90
C MET B 37 6.49 4.94 1.48
N VAL B 38 5.26 4.67 1.90
CA VAL B 38 4.89 3.38 2.44
C VAL B 38 5.14 2.24 1.42
N ASN B 39 4.81 2.48 0.15
CA ASN B 39 5.00 1.51 -0.95
C ASN B 39 6.50 1.23 -1.15
N ASN B 40 7.29 2.29 -1.21
CA ASN B 40 8.74 2.19 -1.33
CA ASN B 40 8.72 2.15 -1.35
C ASN B 40 9.37 1.40 -0.18
N LEU B 41 8.99 1.70 1.06
CA LEU B 41 9.53 0.96 2.20
C LEU B 41 9.01 -0.48 2.26
N THR B 42 7.75 -0.69 1.88
CA THR B 42 7.22 -2.06 1.83
C THR B 42 8.05 -2.90 0.83
N ASP B 43 8.38 -2.29 -0.28
CA ASP B 43 9.13 -2.95 -1.32
C ASP B 43 10.54 -3.26 -0.83
N GLU B 44 11.17 -2.33 -0.12
CA GLU B 44 12.51 -2.58 0.44
C GLU B 44 12.48 -3.68 1.51
N LEU B 45 11.46 -3.69 2.32
CA LEU B 45 11.27 -4.77 3.29
C LEU B 45 11.14 -6.14 2.59
N GLN B 46 10.27 -6.24 1.59
CA GLN B 46 10.08 -7.48 0.85
C GLN B 46 11.36 -7.93 0.16
N ASP B 47 12.09 -6.99 -0.42
CA ASP B 47 13.40 -7.30 -0.98
C ASP B 47 14.43 -7.72 0.09
N ALA B 48 14.36 -7.16 1.29
CA ALA B 48 15.27 -7.56 2.37
C ALA B 48 14.97 -8.99 2.81
N ILE B 49 13.69 -9.33 2.86
CA ILE B 49 13.24 -10.71 3.12
C ILE B 49 13.80 -11.66 2.04
N ASP B 50 13.63 -11.28 0.78
CA ASP B 50 14.13 -12.08 -0.31
C ASP B 50 15.66 -12.25 -0.25
N GLU B 51 16.34 -11.33 0.43
CA GLU B 51 17.79 -11.33 0.49
C GLU B 51 18.25 -12.18 1.68
N ALA B 52 17.32 -12.57 2.55
CA ALA B 52 17.62 -13.32 3.78
C ALA B 52 18.68 -12.59 4.62
N ASN B 53 18.41 -11.30 4.87
CA ASN B 53 19.29 -10.39 5.59
C ASN B 53 18.58 -9.88 6.87
N PRO B 54 18.79 -10.54 8.02
CA PRO B 54 18.11 -10.24 9.28
C PRO B 54 18.07 -8.78 9.69
N ALA B 55 19.22 -8.11 9.66
CA ALA B 55 19.36 -6.73 10.16
C ALA B 55 18.56 -5.74 9.30
N GLU B 56 18.68 -5.89 7.99
CA GLU B 56 17.93 -5.10 7.04
C GLU B 56 16.42 -5.31 7.17
N ILE B 57 15.98 -6.56 7.40
CA ILE B 57 14.56 -6.85 7.60
C ILE B 57 14.06 -6.12 8.84
N ALA B 58 14.82 -6.17 9.94
CA ALA B 58 14.35 -5.56 11.19
C ALA B 58 14.37 -4.03 11.05
N ASN B 59 15.42 -3.52 10.43
CA ASN B 59 15.59 -2.09 10.27
C ASN B 59 14.56 -1.47 9.34
N THR B 60 14.34 -2.10 8.18
CA THR B 60 13.37 -1.55 7.23
C THR B 60 11.95 -1.66 7.80
N SER B 61 11.62 -2.74 8.51
CA SER B 61 10.29 -2.90 9.12
C SER B 61 10.01 -1.78 10.16
N GLN B 62 11.01 -1.49 10.97
CA GLN B 62 10.95 -0.39 11.93
C GLN B 62 10.59 0.93 11.20
N GLN B 63 11.30 1.24 10.11
CA GLN B 63 11.02 2.45 9.33
C GLN B 63 9.60 2.40 8.77
N LEU B 64 9.21 1.23 8.30
CA LEU B 64 7.88 1.07 7.73
C LEU B 64 6.78 1.28 8.78
N ARG B 65 6.98 0.82 10.02
CA ARG B 65 6.02 1.14 11.08
C ARG B 65 5.79 2.65 11.19
N HIS B 66 6.87 3.44 11.17
CA HIS B 66 6.74 4.90 11.26
C HIS B 66 5.92 5.47 10.10
N ALA B 67 6.24 5.06 8.88
CA ALA B 67 5.59 5.60 7.68
C ALA B 67 4.09 5.25 7.64
N ARG B 68 3.79 4.01 8.01
CA ARG B 68 2.41 3.54 8.08
C ARG B 68 1.61 4.19 9.23
N ALA B 69 2.30 4.42 10.34
CA ALA B 69 1.71 5.19 11.46
C ALA B 69 1.32 6.60 10.95
N ASP B 70 2.22 7.27 10.26
CA ASP B 70 1.94 8.60 9.71
C ASP B 70 0.72 8.56 8.79
N LEU B 71 0.72 7.60 7.86
CA LEU B 71 -0.34 7.51 6.84
C LEU B 71 -1.68 7.38 7.53
N ALA B 72 -1.77 6.52 8.55
CA ALA B 72 -3.04 6.34 9.26
C ALA B 72 -3.47 7.63 9.95
N ASP B 73 -2.50 8.39 10.46
CA ASP B 73 -2.78 9.60 11.18
C ASP B 73 -3.29 10.66 10.20
N LEU B 74 -2.67 10.71 9.04
CA LEU B 74 -3.09 11.62 7.99
C LEU B 74 -4.50 11.31 7.48
N GLN B 75 -4.80 10.02 7.24
CA GLN B 75 -6.14 9.61 6.79
C GLN B 75 -7.19 9.90 7.84
N ARG B 76 -6.79 9.75 9.10
CA ARG B 76 -7.64 10.06 10.25
C ARG B 76 -7.99 11.56 10.30
N ARG B 77 -7.00 12.42 10.11
CA ARG B 77 -7.21 13.87 10.16
C ARG B 77 -7.99 14.39 8.94
N PHE B 78 -7.91 13.67 7.83
CA PHE B 78 -8.66 14.02 6.63
C PHE B 78 -10.15 13.65 6.79
N ALA B 79 -10.42 12.51 7.43
CA ALA B 79 -11.78 12.09 7.71
C ALA B 79 -12.48 13.07 8.64
N VAL B 80 -11.76 13.58 9.64
CA VAL B 80 -12.35 14.53 10.61
C VAL B 80 -12.99 15.71 9.88
N LEU B 81 -12.44 16.12 8.74
CA LEU B 81 -13.05 17.21 7.96
C LEU B 81 -14.48 16.83 7.52
N ARG B 82 -15.46 17.35 8.28
CA ARG B 82 -16.90 17.13 8.02
C ARG B 82 -17.74 18.19 8.72
#